data_6Z6Z
#
_entry.id   6Z6Z
#
_cell.length_a   38.557
_cell.length_b   75.579
_cell.length_c   116.120
_cell.angle_alpha   90.000
_cell.angle_beta   90.000
_cell.angle_gamma   90.000
#
_symmetry.space_group_name_H-M   'I 2 2 2'
#
loop_
_entity.id
_entity.type
_entity.pdbx_description
1 polymer 'Neutrophil gelatinase-associated lipocalin'
2 non-polymer 'CALCIUM ION'
3 water water
#
_entity_poly.entity_id   1
_entity_poly.type   'polypeptide(L)'
_entity_poly.pdbx_seq_one_letter_code
;MQDSTSDLIPAPPLSKVPLQQNFQDNQFHGKWYVVGVAGNGFLREDKDPIKMAATIYELKEDKSYNVTFMKFPMKKCQYM
TDTLVPGSQPGEFTLGNIKSEPGYTSWLVRVVSTNYNQHAMVFFKAVQQNREDFFITLYGRTKELTSELKENFIRFSKSL
GLPENHIVFPVPIDQCIDGSAHHHHHH
;
_entity_poly.pdbx_strand_id   A
#
# COMPACT_ATOMS: atom_id res chain seq x y z
N SER A 6 18.08 -6.75 15.54
CA SER A 6 17.84 -5.55 14.67
C SER A 6 16.65 -5.79 13.74
N ASP A 7 15.62 -6.49 14.24
CA ASP A 7 14.48 -7.06 13.46
C ASP A 7 13.24 -6.16 13.61
N LEU A 8 12.18 -6.50 12.90
CA LEU A 8 10.93 -5.71 12.86
C LEU A 8 9.84 -6.43 13.68
N ILE A 9 8.82 -5.67 14.09
CA ILE A 9 7.52 -6.19 14.62
C ILE A 9 7.07 -7.29 13.66
N PRO A 10 6.91 -8.56 14.12
CA PRO A 10 6.48 -9.64 13.24
C PRO A 10 5.19 -9.29 12.49
N ALA A 11 5.13 -9.69 11.21
CA ALA A 11 3.98 -9.50 10.30
C ALA A 11 2.79 -10.28 10.81
N PRO A 12 1.54 -9.80 10.60
CA PRO A 12 0.36 -10.55 11.03
C PRO A 12 0.08 -11.71 10.07
N PRO A 13 -0.67 -12.74 10.50
CA PRO A 13 -1.10 -13.79 9.57
C PRO A 13 -2.23 -13.25 8.70
N LEU A 14 -2.42 -13.82 7.51
CA LEU A 14 -3.44 -13.38 6.52
C LEU A 14 -4.83 -13.59 7.10
N SER A 15 -4.96 -14.46 8.12
CA SER A 15 -6.24 -14.70 8.82
C SER A 15 -6.78 -13.42 9.44
N LYS A 16 -5.91 -12.49 9.85
CA LYS A 16 -6.27 -11.19 10.50
C LYS A 16 -6.54 -10.10 9.46
N VAL A 17 -6.28 -10.38 8.19
CA VAL A 17 -6.38 -9.36 7.11
C VAL A 17 -7.58 -9.69 6.27
N PRO A 18 -8.65 -8.87 6.33
CA PRO A 18 -9.79 -9.04 5.44
C PRO A 18 -9.34 -8.89 3.98
N LEU A 19 -10.05 -9.56 3.07
CA LEU A 19 -9.94 -9.43 1.61
C LEU A 19 -11.26 -8.87 1.12
N GLN A 20 -11.22 -7.81 0.30
CA GLN A 20 -12.42 -7.29 -0.37
C GLN A 20 -13.08 -8.44 -1.13
N GLN A 21 -14.34 -8.73 -0.82
CA GLN A 21 -15.10 -9.84 -1.46
C GLN A 21 -15.63 -9.35 -2.81
N ASN A 22 -15.69 -10.26 -3.78
CA ASN A 22 -16.16 -10.00 -5.17
C ASN A 22 -15.34 -8.83 -5.76
N PHE A 23 -14.02 -8.83 -5.56
CA PHE A 23 -13.14 -7.74 -6.06
C PHE A 23 -13.36 -7.56 -7.57
N GLN A 24 -13.62 -6.32 -7.99
CA GLN A 24 -13.87 -5.90 -9.39
C GLN A 24 -12.61 -5.22 -9.92
N ASP A 25 -11.76 -5.97 -10.61
CA ASP A 25 -10.44 -5.47 -11.07
C ASP A 25 -10.65 -4.29 -12.04
N ASN A 26 -11.73 -4.30 -12.83
CA ASN A 26 -12.01 -3.28 -13.88
C ASN A 26 -12.58 -2.00 -13.25
N GLN A 27 -12.94 -2.00 -11.96
CA GLN A 27 -13.36 -0.75 -11.28
C GLN A 27 -12.23 -0.21 -10.40
N PHE A 28 -11.20 -1.00 -10.14
CA PHE A 28 -10.08 -0.59 -9.25
C PHE A 28 -9.00 0.15 -10.05
N HIS A 29 -9.05 0.09 -11.38
CA HIS A 29 -8.01 0.68 -12.26
C HIS A 29 -7.98 2.21 -12.13
N GLY A 30 -6.91 2.83 -12.60
CA GLY A 30 -6.83 4.30 -12.68
C GLY A 30 -5.94 4.87 -11.61
N LYS A 31 -6.23 6.10 -11.22
CA LYS A 31 -5.35 6.90 -10.33
C LYS A 31 -5.89 6.88 -8.90
N TRP A 32 -4.98 6.59 -7.97
CA TRP A 32 -5.21 6.57 -6.51
C TRP A 32 -4.12 7.41 -5.87
N TYR A 33 -4.48 8.21 -4.86
CA TYR A 33 -3.53 8.99 -4.04
C TYR A 33 -3.24 8.21 -2.76
N VAL A 34 -1.97 8.18 -2.34
CA VAL A 34 -1.59 7.54 -1.05
C VAL A 34 -1.81 8.59 0.05
N VAL A 35 -2.95 8.50 0.73
CA VAL A 35 -3.46 9.43 1.78
C VAL A 35 -2.89 9.04 3.16
N GLY A 36 -2.66 7.74 3.38
CA GLY A 36 -2.06 7.21 4.60
C GLY A 36 -1.14 6.05 4.32
N VAL A 37 -0.06 5.93 5.10
CA VAL A 37 0.86 4.77 5.05
C VAL A 37 1.22 4.39 6.48
N ALA A 38 1.19 3.10 6.76
CA ALA A 38 1.60 2.51 8.05
C ALA A 38 2.44 1.28 7.77
N GLY A 39 3.48 1.03 8.57
CA GLY A 39 4.33 -0.16 8.42
C GLY A 39 5.35 -0.27 9.53
N ASN A 40 5.99 -1.43 9.60
CA ASN A 40 6.99 -1.80 10.63
C ASN A 40 8.39 -1.37 10.16
N GLY A 41 8.54 -0.96 8.89
CA GLY A 41 9.84 -0.87 8.19
C GLY A 41 10.31 0.57 7.98
N PHE A 42 9.63 1.55 8.56
CA PHE A 42 9.95 3.00 8.46
C PHE A 42 9.39 3.71 9.69
N LEU A 43 9.92 4.90 10.00
CA LEU A 43 9.54 5.74 11.17
C LEU A 43 9.00 7.09 10.68
N ARG A 44 8.05 7.68 11.41
CA ARG A 44 7.52 9.03 11.12
C ARG A 44 8.65 10.05 11.31
N GLU A 45 9.46 10.25 10.27
CA GLU A 45 10.59 11.20 10.26
C GLU A 45 10.03 12.63 10.31
N ASP A 46 10.51 13.43 11.27
CA ASP A 46 10.09 14.85 11.46
C ASP A 46 10.58 15.68 10.27
N LYS A 47 11.86 15.57 9.93
CA LYS A 47 12.59 16.47 8.99
C LYS A 47 12.83 15.75 7.65
N ASP A 48 12.07 14.72 7.32
CA ASP A 48 12.07 14.07 5.98
C ASP A 48 10.77 13.29 5.82
N PRO A 49 9.63 13.99 5.63
CA PRO A 49 8.31 13.35 5.67
C PRO A 49 7.96 12.57 4.40
N ILE A 50 7.13 11.53 4.56
CA ILE A 50 6.53 10.79 3.42
C ILE A 50 5.73 11.81 2.59
N LYS A 51 5.94 11.82 1.28
CA LYS A 51 5.23 12.72 0.34
C LYS A 51 3.96 12.01 -0.16
N MET A 52 2.89 12.75 -0.40
CA MET A 52 1.70 12.21 -1.10
C MET A 52 2.07 12.08 -2.58
N ALA A 53 1.73 10.93 -3.14
CA ALA A 53 2.03 10.54 -4.53
C ALA A 53 0.80 9.80 -5.07
N ALA A 54 0.52 9.99 -6.34
CA ALA A 54 -0.48 9.22 -7.08
C ALA A 54 0.13 7.87 -7.43
N THR A 55 -0.72 6.85 -7.45
CA THR A 55 -0.38 5.50 -7.92
C THR A 55 -1.31 5.19 -9.08
N ILE A 56 -0.77 4.65 -10.18
CA ILE A 56 -1.60 4.38 -11.38
C ILE A 56 -1.68 2.87 -11.57
N TYR A 57 -2.90 2.37 -11.71
CA TYR A 57 -3.24 0.96 -12.01
C TYR A 57 -3.69 0.85 -13.47
N GLU A 58 -2.99 0.04 -14.24
CA GLU A 58 -3.45 -0.32 -15.61
C GLU A 58 -3.78 -1.82 -15.63
N LEU A 59 -5.02 -2.17 -15.95
CA LEU A 59 -5.48 -3.58 -15.97
C LEU A 59 -5.11 -4.20 -17.32
N LYS A 60 -4.35 -5.29 -17.32
CA LYS A 60 -3.93 -6.00 -18.55
C LYS A 60 -4.94 -7.10 -18.86
N GLU A 61 -4.93 -7.60 -20.10
CA GLU A 61 -5.83 -8.71 -20.56
C GLU A 61 -5.50 -10.00 -19.78
N ASP A 62 -4.27 -10.19 -19.28
CA ASP A 62 -3.94 -11.39 -18.44
C ASP A 62 -4.31 -11.18 -16.95
N LYS A 63 -5.06 -10.13 -16.64
CA LYS A 63 -5.64 -9.82 -15.30
C LYS A 63 -4.56 -9.44 -14.30
N SER A 64 -3.32 -9.26 -14.73
CA SER A 64 -2.28 -8.51 -13.98
C SER A 64 -2.62 -7.02 -14.05
N TYR A 65 -2.01 -6.22 -13.18
CA TYR A 65 -1.94 -4.75 -13.36
C TYR A 65 -0.50 -4.37 -13.58
N ASN A 66 -0.26 -3.40 -14.47
CA ASN A 66 0.95 -2.56 -14.38
C ASN A 66 0.62 -1.47 -13.38
N VAL A 67 1.51 -1.26 -12.41
CA VAL A 67 1.30 -0.25 -11.35
CA VAL A 67 1.30 -0.24 -11.34
C VAL A 67 2.48 0.71 -11.38
N THR A 68 2.21 2.00 -11.37
CA THR A 68 3.21 3.08 -11.36
C THR A 68 3.00 3.87 -10.06
N PHE A 69 4.08 4.06 -9.32
CA PHE A 69 4.00 4.63 -7.97
C PHE A 69 5.33 5.27 -7.63
N MET A 70 5.30 6.16 -6.66
CA MET A 70 6.54 6.73 -6.08
C MET A 70 7.22 5.64 -5.27
N LYS A 71 8.54 5.49 -5.43
CA LYS A 71 9.32 4.44 -4.76
C LYS A 71 9.19 4.61 -3.25
N PHE A 72 8.93 3.50 -2.55
CA PHE A 72 8.94 3.47 -1.07
C PHE A 72 10.36 3.79 -0.61
N PRO A 73 10.57 4.53 0.51
CA PRO A 73 9.50 5.01 1.37
C PRO A 73 8.92 6.40 1.05
N MET A 74 8.94 6.82 -0.22
CA MET A 74 8.18 7.98 -0.76
C MET A 74 8.70 9.30 -0.16
N LYS A 75 10.02 9.42 -0.04
CA LYS A 75 10.72 10.65 0.46
C LYS A 75 11.46 11.35 -0.68
N LYS A 76 11.77 10.63 -1.76
CA LYS A 76 12.37 11.19 -2.99
C LYS A 76 11.31 11.13 -4.08
N CYS A 77 11.35 12.06 -5.03
CA CYS A 77 10.35 12.16 -6.11
C CYS A 77 10.81 11.26 -7.26
N GLN A 78 10.94 9.96 -6.97
CA GLN A 78 11.39 8.93 -7.93
C GLN A 78 10.24 7.96 -8.11
N TYR A 79 9.87 7.65 -9.36
CA TYR A 79 8.77 6.73 -9.67
C TYR A 79 9.32 5.42 -10.24
N MET A 80 8.50 4.38 -10.12
CA MET A 80 8.78 3.08 -10.75
C MET A 80 7.48 2.44 -11.24
N THR A 81 7.64 1.52 -12.18
CA THR A 81 6.54 0.67 -12.66
C THR A 81 6.87 -0.77 -12.29
N ASP A 82 5.87 -1.51 -11.83
CA ASP A 82 6.05 -2.95 -11.61
C ASP A 82 4.73 -3.59 -11.98
N THR A 83 4.56 -4.87 -11.63
CA THR A 83 3.40 -5.69 -12.04
C THR A 83 2.79 -6.34 -10.80
N LEU A 84 1.47 -6.24 -10.68
CA LEU A 84 0.63 -7.02 -9.75
C LEU A 84 0.13 -8.24 -10.52
N VAL A 85 0.65 -9.41 -10.17
CA VAL A 85 0.33 -10.72 -10.78
C VAL A 85 -0.79 -11.37 -9.96
N PRO A 86 -1.85 -11.93 -10.60
CA PRO A 86 -2.92 -12.59 -9.85
C PRO A 86 -2.41 -13.51 -8.74
N GLY A 87 -3.06 -13.38 -7.58
CA GLY A 87 -2.81 -14.22 -6.39
C GLY A 87 -3.91 -15.25 -6.23
N SER A 88 -4.08 -15.77 -5.01
CA SER A 88 -4.94 -16.94 -4.71
C SER A 88 -6.39 -16.62 -5.05
N GLN A 89 -6.78 -15.36 -4.89
CA GLN A 89 -8.17 -14.91 -5.12
C GLN A 89 -8.17 -13.55 -5.80
N PRO A 90 -9.26 -13.14 -6.48
CA PRO A 90 -9.40 -11.76 -6.94
C PRO A 90 -9.15 -10.78 -5.77
N GLY A 91 -8.37 -9.73 -6.01
CA GLY A 91 -8.08 -8.70 -5.00
C GLY A 91 -6.81 -9.01 -4.24
N GLU A 92 -6.21 -10.16 -4.48
CA GLU A 92 -4.92 -10.51 -3.87
C GLU A 92 -3.93 -10.77 -5.00
N PHE A 93 -2.71 -10.27 -4.87
CA PHE A 93 -1.69 -10.24 -5.93
C PHE A 93 -0.32 -10.43 -5.32
N THR A 94 0.67 -10.76 -6.16
N THR A 94 0.65 -10.71 -6.19
CA THR A 94 2.11 -10.57 -5.83
CA THR A 94 2.11 -10.61 -5.92
C THR A 94 2.66 -9.38 -6.62
C THR A 94 2.67 -9.38 -6.64
N LEU A 95 3.43 -8.55 -5.93
CA LEU A 95 4.14 -7.39 -6.52
C LEU A 95 5.65 -7.64 -6.44
N GLY A 96 6.41 -7.41 -7.50
CA GLY A 96 7.84 -7.79 -7.53
C GLY A 96 8.72 -6.87 -6.70
N ASN A 97 8.35 -5.59 -6.64
CA ASN A 97 9.23 -4.54 -6.09
C ASN A 97 8.42 -3.33 -5.63
N ILE A 98 8.85 -2.65 -4.56
CA ILE A 98 8.24 -1.37 -4.11
C ILE A 98 9.30 -0.27 -4.14
N LYS A 99 10.53 -0.62 -4.51
CA LYS A 99 11.69 0.30 -4.60
C LYS A 99 12.78 -0.45 -5.35
N SER A 100 13.99 0.09 -5.44
CA SER A 100 15.15 -0.65 -5.98
C SER A 100 15.54 -1.71 -4.95
N GLU A 101 15.39 -2.98 -5.32
CA GLU A 101 15.53 -4.15 -4.41
C GLU A 101 16.61 -5.08 -4.96
N PRO A 102 17.87 -4.98 -4.49
CA PRO A 102 18.95 -5.82 -4.99
C PRO A 102 18.97 -7.21 -4.30
N GLY A 103 18.12 -7.40 -3.28
CA GLY A 103 17.99 -8.66 -2.54
C GLY A 103 16.80 -9.48 -3.01
N TYR A 104 16.59 -10.65 -2.39
CA TYR A 104 15.53 -11.61 -2.76
C TYR A 104 14.26 -11.14 -2.05
N THR A 105 13.48 -10.28 -2.70
CA THR A 105 12.36 -9.58 -2.02
C THR A 105 11.20 -9.47 -2.97
N SER A 106 9.99 -9.75 -2.50
CA SER A 106 8.73 -9.55 -3.26
C SER A 106 7.60 -9.44 -2.24
N TRP A 107 6.41 -9.11 -2.71
CA TRP A 107 5.33 -8.60 -1.82
C TRP A 107 4.00 -9.29 -2.15
N LEU A 108 3.32 -9.73 -1.10
CA LEU A 108 1.91 -10.17 -1.20
C LEU A 108 1.07 -8.90 -1.02
N VAL A 109 0.04 -8.74 -1.84
CA VAL A 109 -0.80 -7.52 -1.87
C VAL A 109 -2.23 -8.02 -1.72
N ARG A 110 -2.93 -7.51 -0.70
CA ARG A 110 -4.34 -7.87 -0.46
C ARG A 110 -5.12 -6.58 -0.37
N VAL A 111 -6.11 -6.39 -1.24
CA VAL A 111 -7.06 -5.27 -1.12
C VAL A 111 -8.00 -5.63 0.01
N VAL A 112 -7.84 -4.93 1.13
CA VAL A 112 -8.59 -5.19 2.39
C VAL A 112 -10.04 -4.72 2.20
N SER A 113 -10.23 -3.50 1.68
CA SER A 113 -11.55 -2.88 1.47
C SER A 113 -11.44 -1.73 0.46
N THR A 114 -12.48 -1.57 -0.34
CA THR A 114 -12.59 -0.44 -1.29
C THR A 114 -14.05 -0.28 -1.70
N ASN A 115 -14.42 0.93 -2.11
CA ASN A 115 -15.72 1.23 -2.77
C ASN A 115 -15.43 1.79 -4.17
N TYR A 116 -14.19 1.65 -4.66
CA TYR A 116 -13.75 1.87 -6.08
C TYR A 116 -13.74 3.35 -6.46
N ASN A 117 -14.73 4.12 -6.03
CA ASN A 117 -14.94 5.50 -6.53
C ASN A 117 -14.45 6.53 -5.50
N GLN A 118 -14.00 6.10 -4.32
CA GLN A 118 -13.61 7.04 -3.25
C GLN A 118 -12.36 6.57 -2.50
N HIS A 119 -12.39 5.38 -1.87
CA HIS A 119 -11.30 4.90 -0.98
C HIS A 119 -10.92 3.43 -1.21
N ALA A 120 -9.72 3.08 -0.77
CA ALA A 120 -9.27 1.69 -0.64
C ALA A 120 -8.27 1.57 0.51
N MET A 121 -8.19 0.39 1.10
CA MET A 121 -7.10 0.06 2.03
C MET A 121 -6.42 -1.17 1.49
N VAL A 122 -5.09 -1.14 1.42
CA VAL A 122 -4.33 -2.25 0.78
C VAL A 122 -3.21 -2.67 1.71
N PHE A 123 -3.14 -3.98 1.94
CA PHE A 123 -2.12 -4.60 2.80
C PHE A 123 -1.02 -5.18 1.93
N PHE A 124 0.22 -4.95 2.34
CA PHE A 124 1.44 -5.49 1.72
C PHE A 124 2.32 -6.21 2.77
N LYS A 125 2.80 -7.40 2.44
CA LYS A 125 3.71 -8.14 3.33
C LYS A 125 4.77 -8.85 2.48
N ALA A 126 6.02 -8.85 2.95
CA ALA A 126 7.13 -9.59 2.31
C ALA A 126 6.72 -11.06 2.14
N VAL A 127 6.99 -11.63 0.97
CA VAL A 127 6.64 -13.02 0.58
C VAL A 127 7.63 -13.96 1.28
N GLN A 128 8.86 -13.49 1.53
CA GLN A 128 10.01 -14.37 1.88
C GLN A 128 9.86 -14.83 3.32
N GLN A 129 10.10 -16.12 3.56
CA GLN A 129 9.82 -16.78 4.87
C GLN A 129 10.52 -16.03 6.02
N ASN A 130 11.72 -15.51 5.82
CA ASN A 130 12.52 -14.93 6.93
C ASN A 130 12.23 -13.43 7.09
N ARG A 131 11.35 -12.83 6.27
CA ARG A 131 11.14 -11.36 6.29
C ARG A 131 9.82 -11.05 7.01
N GLU A 132 9.80 -9.97 7.79
CA GLU A 132 8.62 -9.54 8.58
C GLU A 132 8.06 -8.21 8.03
N ASP A 133 8.64 -7.68 6.95
CA ASP A 133 8.25 -6.36 6.40
C ASP A 133 6.76 -6.39 6.05
N PHE A 134 5.99 -5.41 6.51
CA PHE A 134 4.60 -5.23 6.04
C PHE A 134 4.23 -3.77 6.14
N PHE A 135 3.28 -3.35 5.32
CA PHE A 135 2.72 -1.98 5.42
C PHE A 135 1.29 -2.01 4.88
N ILE A 136 0.56 -0.95 5.18
CA ILE A 136 -0.83 -0.71 4.70
C ILE A 136 -0.85 0.69 4.10
N THR A 137 -1.48 0.83 2.94
CA THR A 137 -1.76 2.13 2.30
C THR A 137 -3.26 2.40 2.37
N LEU A 138 -3.62 3.65 2.63
CA LEU A 138 -4.99 4.17 2.46
C LEU A 138 -5.00 4.96 1.15
N TYR A 139 -5.78 4.50 0.16
CA TYR A 139 -5.90 5.13 -1.17
C TYR A 139 -7.12 6.06 -1.16
N GLY A 140 -6.99 7.23 -1.79
CA GLY A 140 -8.14 8.12 -2.10
C GLY A 140 -8.17 8.39 -3.59
N ARG A 141 -9.36 8.45 -4.19
CA ARG A 141 -9.53 8.99 -5.57
C ARG A 141 -9.21 10.48 -5.56
N THR A 142 -9.36 11.14 -4.41
CA THR A 142 -8.90 12.54 -4.18
C THR A 142 -7.83 12.56 -3.08
N LYS A 143 -7.20 13.72 -2.87
CA LYS A 143 -6.04 13.89 -1.93
C LYS A 143 -6.54 13.95 -0.49
N GLU A 144 -7.87 14.10 -0.29
CA GLU A 144 -8.48 14.22 1.06
C GLU A 144 -9.54 13.13 1.26
N LEU A 145 -9.63 12.63 2.48
CA LEU A 145 -10.63 11.62 2.92
C LEU A 145 -11.21 12.08 4.26
N THR A 146 -12.39 11.59 4.59
CA THR A 146 -13.15 11.90 5.83
C THR A 146 -12.33 11.51 7.06
N SER A 147 -12.53 12.20 8.18
CA SER A 147 -12.12 11.77 9.55
C SER A 147 -12.39 10.28 9.74
N GLU A 148 -13.59 9.84 9.36
CA GLU A 148 -14.10 8.45 9.55
C GLU A 148 -13.16 7.47 8.84
N LEU A 149 -12.84 7.76 7.58
CA LEU A 149 -11.95 6.90 6.76
C LEU A 149 -10.54 6.91 7.38
N LYS A 150 -10.04 8.05 7.85
CA LYS A 150 -8.66 8.10 8.44
C LYS A 150 -8.63 7.33 9.77
N GLU A 151 -9.60 7.53 10.64
CA GLU A 151 -9.67 6.85 11.96
C GLU A 151 -9.70 5.33 11.74
N ASN A 152 -10.42 4.87 10.72
CA ASN A 152 -10.58 3.42 10.41
C ASN A 152 -9.23 2.83 9.96
N PHE A 153 -8.40 3.64 9.32
CA PHE A 153 -7.05 3.25 8.86
C PHE A 153 -6.13 3.13 10.08
N ILE A 154 -6.23 4.04 11.05
CA ILE A 154 -5.42 4.02 12.31
C ILE A 154 -5.80 2.74 13.08
N ARG A 155 -7.10 2.47 13.12
CA ARG A 155 -7.70 1.31 13.81
C ARG A 155 -7.11 0.02 13.23
N PHE A 156 -7.20 -0.14 11.90
CA PHE A 156 -6.71 -1.33 11.20
C PHE A 156 -5.21 -1.47 11.44
N SER A 157 -4.45 -0.39 11.24
CA SER A 157 -2.97 -0.35 11.41
C SER A 157 -2.57 -0.83 12.81
N LYS A 158 -3.26 -0.37 13.83
CA LYS A 158 -2.94 -0.74 15.25
C LYS A 158 -3.29 -2.20 15.47
N SER A 159 -4.38 -2.68 14.85
CA SER A 159 -4.84 -4.10 14.98
C SER A 159 -3.74 -5.05 14.52
N LEU A 160 -2.77 -4.58 13.74
CA LEU A 160 -1.66 -5.43 13.23
C LEU A 160 -0.40 -5.23 14.09
N GLY A 161 -0.51 -4.62 15.29
CA GLY A 161 0.59 -4.41 16.26
C GLY A 161 1.36 -3.10 16.10
N LEU A 162 1.00 -2.22 15.16
CA LEU A 162 1.79 -1.00 14.90
C LEU A 162 1.53 0.01 16.01
N PRO A 163 2.58 0.65 16.56
CA PRO A 163 2.41 1.77 17.48
C PRO A 163 2.17 3.05 16.66
N GLU A 164 1.74 4.13 17.32
CA GLU A 164 1.30 5.39 16.63
C GLU A 164 2.42 5.96 15.76
N ASN A 165 3.69 5.80 16.15
CA ASN A 165 4.84 6.44 15.46
C ASN A 165 5.17 5.69 14.15
N HIS A 166 4.43 4.64 13.83
CA HIS A 166 4.58 3.84 12.58
C HIS A 166 3.39 4.08 11.64
N ILE A 167 2.59 5.12 11.89
CA ILE A 167 1.37 5.45 11.08
C ILE A 167 1.49 6.92 10.63
N VAL A 168 1.45 7.20 9.32
CA VAL A 168 1.72 8.55 8.75
C VAL A 168 0.59 8.95 7.79
N PHE A 169 0.21 10.23 7.80
CA PHE A 169 -0.70 10.84 6.79
C PHE A 169 0.05 11.93 6.03
N PRO A 170 0.58 11.61 4.83
CA PRO A 170 1.20 12.65 3.97
C PRO A 170 0.33 13.90 3.76
N VAL A 171 0.96 15.07 3.80
CA VAL A 171 0.27 16.39 3.57
C VAL A 171 -0.20 16.44 2.12
N PRO A 172 -1.51 16.68 1.88
CA PRO A 172 -2.09 16.66 0.55
C PRO A 172 -1.59 17.86 -0.27
N ILE A 173 -0.26 17.98 -0.37
CA ILE A 173 0.50 19.11 -0.99
C ILE A 173 1.83 18.54 -1.46
N ASP A 174 2.70 19.39 -2.02
CA ASP A 174 4.02 19.00 -2.58
C ASP A 174 3.77 18.06 -3.75
N GLN A 175 3.59 18.63 -4.93
CA GLN A 175 3.57 17.90 -6.23
C GLN A 175 5.03 17.68 -6.66
N CYS A 176 5.97 17.70 -5.69
CA CYS A 176 7.41 17.30 -5.86
C CYS A 176 8.15 18.34 -6.70
N ILE A 177 8.06 19.61 -6.31
CA ILE A 177 8.57 20.79 -7.07
C ILE A 177 10.11 20.77 -7.05
#